data_9P6C
#
_entry.id   9P6C
#
_cell.length_a   33.305
_cell.length_b   38.003
_cell.length_c   57.016
_cell.angle_alpha   84.13
_cell.angle_beta   81.47
_cell.angle_gamma   67.61
#
_symmetry.space_group_name_H-M   'P 1'
#
loop_
_entity.id
_entity.type
_entity.pdbx_description
1 polymer Hemolysin
2 non-polymer 'CALCIUM ION'
3 water water
#
_entity_poly.entity_id   1
_entity_poly.type   'polypeptide(L)'
_entity_poly.pdbx_seq_one_letter_code
;MRGSHHHHHHGSHMELGASGSARNDVLIGDAGNNVLNGLAGNDVLSGGAGNDVLLGDEGNDLLSGDAGNDDLFGGQGNDT
YLFGVGYGNDTIYESGGGNDTIRINAGADQLWFARQGNDLEIRILGTDDALTVHDWYRDADHRVEIIHAANQAVDQAGIE
KLVEAMAQYPDEFTSLEKLN
;
_entity_poly.pdbx_strand_id   A,B
#
loop_
_chem_comp.id
_chem_comp.type
_chem_comp.name
_chem_comp.formula
CA non-polymer 'CALCIUM ION' 'Ca 2'
#
# COMPACT_ATOMS: atom_id res chain seq x y z
N GLY A 17 -8.19 -6.14 -7.71
CA GLY A 17 -6.90 -5.56 -8.12
C GLY A 17 -7.02 -4.72 -9.38
N ALA A 18 -6.67 -3.43 -9.28
CA ALA A 18 -6.71 -2.52 -10.41
C ALA A 18 -5.50 -1.58 -10.34
N SER A 19 -4.93 -1.34 -11.51
CA SER A 19 -3.82 -0.43 -11.58
C SER A 19 -4.18 0.75 -12.45
N GLY A 20 -3.59 1.90 -12.12
CA GLY A 20 -3.69 3.03 -13.02
C GLY A 20 -2.49 3.09 -13.94
N SER A 21 -2.10 4.32 -14.25
CA SER A 21 -0.91 4.63 -15.01
C SER A 21 -0.28 5.83 -14.35
N ALA A 22 0.74 6.39 -15.02
CA ALA A 22 1.39 7.62 -14.59
C ALA A 22 0.53 8.83 -14.89
N ARG A 23 -0.63 8.62 -15.52
CA ARG A 23 -1.60 9.68 -15.75
C ARG A 23 -2.54 9.79 -14.55
N ASN A 24 -3.51 10.71 -14.62
CA ASN A 24 -4.50 10.87 -13.56
C ASN A 24 -5.60 9.85 -13.80
N ASP A 25 -5.80 8.91 -12.86
CA ASP A 25 -6.75 7.84 -13.05
C ASP A 25 -7.88 7.90 -12.03
N VAL A 26 -8.96 7.17 -12.34
CA VAL A 26 -10.07 6.92 -11.43
C VAL A 26 -10.21 5.42 -11.20
N LEU A 27 -9.99 4.98 -9.96
CA LEU A 27 -10.00 3.57 -9.60
C LEU A 27 -11.10 3.29 -8.59
N ILE A 28 -12.03 2.40 -8.94
CA ILE A 28 -13.12 2.08 -8.03
C ILE A 28 -13.16 0.59 -7.77
N GLY A 29 -13.16 0.22 -6.50
CA GLY A 29 -13.30 -1.19 -6.14
C GLY A 29 -14.75 -1.65 -6.23
N ASP A 30 -15.03 -2.78 -5.59
CA ASP A 30 -16.38 -3.31 -5.40
C ASP A 30 -16.51 -3.69 -3.94
N ALA A 31 -17.39 -4.65 -3.64
CA ALA A 31 -17.71 -4.95 -2.26
C ALA A 31 -16.71 -5.92 -1.64
N GLY A 32 -15.81 -6.47 -2.45
CA GLY A 32 -14.78 -7.34 -1.95
C GLY A 32 -13.56 -6.56 -1.45
N ASN A 33 -12.56 -7.31 -1.02
CA ASN A 33 -11.31 -6.80 -0.49
C ASN A 33 -10.38 -6.50 -1.66
N ASN A 34 -10.19 -5.21 -1.97
CA ASN A 34 -9.57 -4.80 -3.22
C ASN A 34 -8.21 -4.14 -2.97
N VAL A 35 -7.39 -4.15 -4.02
CA VAL A 35 -6.13 -3.43 -4.03
C VAL A 35 -6.22 -2.44 -5.18
N LEU A 36 -6.02 -1.17 -4.87
CA LEU A 36 -6.03 -0.15 -5.90
C LEU A 36 -4.70 0.61 -5.87
N ASN A 37 -4.02 0.66 -7.02
CA ASN A 37 -2.76 1.39 -7.03
C ASN A 37 -2.82 2.44 -8.13
N GLY A 38 -2.77 3.71 -7.74
CA GLY A 38 -2.91 4.80 -8.69
C GLY A 38 -1.66 5.05 -9.55
N LEU A 39 -0.48 4.66 -9.05
CA LEU A 39 0.80 5.00 -9.68
C LEU A 39 0.96 6.52 -9.70
N ALA A 40 1.97 7.05 -10.42
CA ALA A 40 2.12 8.50 -10.55
C ALA A 40 0.86 9.17 -11.09
N GLY A 41 0.85 10.50 -11.04
CA GLY A 41 -0.32 11.29 -11.40
C GLY A 41 -1.28 11.48 -10.22
N ASN A 42 -2.31 12.30 -10.47
CA ASN A 42 -3.26 12.69 -9.45
C ASN A 42 -4.48 11.80 -9.59
N ASP A 43 -4.70 10.91 -8.64
CA ASP A 43 -5.63 9.80 -8.83
C ASP A 43 -6.77 9.88 -7.81
N VAL A 44 -7.94 9.37 -8.22
CA VAL A 44 -9.05 9.09 -7.34
C VAL A 44 -9.18 7.59 -7.10
N LEU A 45 -9.16 7.19 -5.84
CA LEU A 45 -9.24 5.79 -5.43
C LEU A 45 -10.42 5.66 -4.49
N SER A 46 -11.34 4.77 -4.85
CA SER A 46 -12.47 4.45 -3.99
C SER A 46 -12.56 2.95 -3.78
N GLY A 47 -12.52 2.51 -2.51
CA GLY A 47 -12.51 1.09 -2.19
C GLY A 47 -13.87 0.41 -2.29
N GLY A 48 -14.95 1.12 -1.92
CA GLY A 48 -16.25 0.48 -1.75
C GLY A 48 -16.23 -0.38 -0.48
N ALA A 49 -17.10 -1.39 -0.45
CA ALA A 49 -17.21 -2.21 0.74
C ALA A 49 -15.99 -3.11 0.85
N GLY A 50 -15.87 -3.78 1.98
CA GLY A 50 -14.75 -4.68 2.19
C GLY A 50 -13.50 -3.93 2.61
N ASN A 51 -12.49 -4.72 2.96
CA ASN A 51 -11.23 -4.28 3.54
C ASN A 51 -10.23 -4.04 2.39
N ASP A 52 -9.99 -2.77 2.04
CA ASP A 52 -9.28 -2.45 0.82
C ASP A 52 -7.88 -1.92 1.12
N VAL A 53 -6.99 -2.00 0.13
CA VAL A 53 -5.66 -1.44 0.25
C VAL A 53 -5.52 -0.43 -0.88
N LEU A 54 -5.48 0.87 -0.52
CA LEU A 54 -5.45 1.96 -1.48
C LEU A 54 -4.08 2.62 -1.45
N LEU A 55 -3.47 2.71 -2.63
CA LEU A 55 -2.15 3.29 -2.75
C LEU A 55 -2.21 4.42 -3.75
N GLY A 56 -2.07 5.65 -3.25
CA GLY A 56 -1.96 6.81 -4.14
C GLY A 56 -0.66 6.88 -4.94
N ASP A 57 0.45 6.47 -4.34
CA ASP A 57 1.80 6.65 -4.87
C ASP A 57 2.08 8.13 -5.13
N GLU A 58 2.89 8.42 -6.15
CA GLU A 58 3.29 9.77 -6.44
C GLU A 58 2.04 10.51 -6.86
N GLY A 59 2.06 11.84 -6.67
CA GLY A 59 0.99 12.69 -7.15
C GLY A 59 0.07 13.05 -6.00
N ASN A 60 -0.90 13.94 -6.27
CA ASN A 60 -1.85 14.40 -5.28
C ASN A 60 -3.13 13.59 -5.41
N ASP A 61 -3.34 12.69 -4.44
CA ASP A 61 -4.32 11.65 -4.66
C ASP A 61 -5.49 11.85 -3.70
N LEU A 62 -6.64 11.32 -4.11
CA LEU A 62 -7.84 11.34 -3.31
C LEU A 62 -8.22 9.89 -3.03
N LEU A 63 -8.24 9.54 -1.74
CA LEU A 63 -8.45 8.17 -1.28
C LEU A 63 -9.71 8.11 -0.41
N SER A 64 -10.61 7.21 -0.80
CA SER A 64 -11.70 6.82 0.09
C SER A 64 -11.73 5.31 0.31
N GLY A 65 -11.55 4.90 1.56
CA GLY A 65 -11.76 3.52 1.97
C GLY A 65 -13.24 3.10 1.87
N ASP A 66 -14.16 4.05 2.08
CA ASP A 66 -15.58 3.74 2.08
C ASP A 66 -15.87 2.75 3.20
N ALA A 67 -16.89 1.91 3.05
CA ALA A 67 -17.20 0.96 4.11
C ALA A 67 -16.10 -0.08 4.28
N GLY A 68 -16.05 -0.71 5.46
CA GLY A 68 -15.06 -1.75 5.73
C GLY A 68 -13.81 -1.18 6.38
N ASN A 69 -12.82 -2.03 6.62
CA ASN A 69 -11.63 -1.66 7.38
C ASN A 69 -10.45 -1.56 6.41
N ASP A 70 -10.06 -0.33 6.09
CA ASP A 70 -9.27 -0.03 4.92
C ASP A 70 -7.89 0.50 5.32
N ASP A 71 -6.88 0.19 4.50
CA ASP A 71 -5.53 0.70 4.64
C ASP A 71 -5.25 1.66 3.50
N LEU A 72 -4.89 2.90 3.85
CA LEU A 72 -4.85 4.01 2.90
C LEU A 72 -3.44 4.56 2.81
N PHE A 73 -2.81 4.44 1.64
CA PHE A 73 -1.45 4.90 1.48
C PHE A 73 -1.41 6.02 0.44
N GLY A 74 -1.51 7.27 0.90
CA GLY A 74 -1.51 8.41 -0.03
C GLY A 74 -0.16 8.52 -0.73
N GLY A 75 0.90 8.16 -0.01
CA GLY A 75 2.23 8.28 -0.55
C GLY A 75 2.74 9.73 -0.55
N GLN A 76 3.71 9.99 -1.42
CA GLN A 76 4.27 11.31 -1.62
C GLN A 76 3.21 12.15 -2.31
N GLY A 77 3.46 13.46 -2.38
CA GLY A 77 2.49 14.43 -2.83
C GLY A 77 1.48 14.68 -1.72
N ASN A 78 0.52 15.58 -1.95
CA ASN A 78 -0.41 16.00 -0.93
C ASN A 78 -1.77 15.37 -1.19
N ASP A 79 -2.07 14.37 -0.37
CA ASP A 79 -3.17 13.47 -0.61
C ASP A 79 -4.32 13.88 0.30
N THR A 80 -5.55 13.56 -0.15
CA THR A 80 -6.79 13.84 0.55
C THR A 80 -7.41 12.51 0.91
N TYR A 81 -7.72 12.34 2.19
CA TYR A 81 -8.33 11.13 2.69
C TYR A 81 -9.75 11.42 3.13
N LEU A 82 -10.71 10.64 2.59
CA LEU A 82 -12.11 10.79 2.97
C LEU A 82 -12.44 9.81 4.10
N PHE A 83 -13.26 10.30 5.04
CA PHE A 83 -13.82 9.50 6.11
C PHE A 83 -15.20 10.04 6.51
N GLY A 84 -16.02 9.19 7.12
CA GLY A 84 -17.34 9.60 7.59
C GLY A 84 -18.04 8.50 8.38
N VAL A 85 -19.31 8.78 8.72
CA VAL A 85 -20.18 7.86 9.43
C VAL A 85 -20.36 6.62 8.57
N GLY A 86 -20.04 5.46 9.15
CA GLY A 86 -20.21 4.17 8.52
C GLY A 86 -18.99 3.73 7.71
N TYR A 87 -17.87 4.44 7.85
CA TYR A 87 -16.66 4.10 7.10
C TYR A 87 -15.83 3.03 7.82
N GLY A 88 -16.32 2.51 8.93
CA GLY A 88 -15.59 1.48 9.67
C GLY A 88 -14.33 2.03 10.32
N ASN A 89 -13.26 1.22 10.35
CA ASN A 89 -12.01 1.55 11.03
C ASN A 89 -10.85 1.54 10.03
N ASP A 90 -10.45 2.74 9.60
CA ASP A 90 -9.46 2.90 8.54
C ASP A 90 -8.15 3.44 9.14
N THR A 91 -7.03 3.02 8.54
CA THR A 91 -5.71 3.50 8.93
C THR A 91 -5.05 4.14 7.72
N ILE A 92 -4.46 5.31 7.98
CA ILE A 92 -3.63 6.04 7.05
C ILE A 92 -2.18 5.75 7.39
N TYR A 93 -1.45 5.26 6.39
CA TYR A 93 0.00 5.23 6.44
C TYR A 93 0.51 6.30 5.47
N GLU A 94 0.90 7.47 6.01
CA GLU A 94 1.51 8.49 5.17
C GLU A 94 3.01 8.27 5.00
N SER A 95 3.55 8.83 3.90
CA SER A 95 4.92 8.70 3.42
C SER A 95 5.58 10.08 3.30
N GLY A 96 4.80 11.08 2.88
CA GLY A 96 5.39 12.39 2.64
C GLY A 96 4.38 13.35 2.02
N GLY A 97 4.72 14.65 2.09
CA GLY A 97 3.87 15.72 1.60
C GLY A 97 3.61 16.77 2.67
N GLY A 98 3.56 18.04 2.26
CA GLY A 98 3.41 19.12 3.24
C GLY A 98 1.96 19.51 3.46
N ASN A 99 1.04 18.96 2.66
CA ASN A 99 -0.35 19.37 2.80
C ASN A 99 -1.30 18.20 2.53
N ASP A 100 -1.05 17.06 3.20
CA ASP A 100 -2.01 15.97 3.29
C ASP A 100 -3.21 16.43 4.13
N THR A 101 -4.43 16.07 3.69
CA THR A 101 -5.64 16.48 4.38
C THR A 101 -6.54 15.28 4.63
N ILE A 102 -7.33 15.36 5.70
CA ILE A 102 -8.43 14.46 5.94
C ILE A 102 -9.75 15.22 5.85
N ARG A 103 -10.70 14.69 5.07
CA ARG A 103 -12.03 15.29 4.97
C ARG A 103 -13.02 14.37 5.69
N ILE A 104 -13.64 14.89 6.75
CA ILE A 104 -14.56 14.07 7.53
C ILE A 104 -15.98 14.61 7.38
N ASN A 105 -16.90 13.67 7.18
CA ASN A 105 -18.29 13.95 6.85
C ASN A 105 -19.12 13.97 8.15
N ALA A 106 -18.77 14.90 9.04
CA ALA A 106 -19.44 15.13 10.30
C ALA A 106 -18.84 16.39 10.92
N GLY A 107 -19.62 17.09 11.75
CA GLY A 107 -19.16 18.32 12.36
C GLY A 107 -18.07 18.07 13.42
N ALA A 108 -17.28 19.11 13.69
CA ALA A 108 -16.22 19.12 14.70
C ALA A 108 -16.79 18.80 16.08
N ASP A 109 -18.08 19.06 16.26
CA ASP A 109 -18.87 18.81 17.45
C ASP A 109 -19.01 17.31 17.74
N GLN A 110 -18.70 16.45 16.76
CA GLN A 110 -18.96 15.03 16.95
C GLN A 110 -17.71 14.19 16.74
N LEU A 111 -16.53 14.84 16.70
CA LEU A 111 -15.26 14.15 16.57
C LEU A 111 -14.60 14.02 17.94
N TRP A 112 -13.81 12.97 18.11
CA TRP A 112 -12.95 12.85 19.28
C TRP A 112 -11.53 12.55 18.84
N PHE A 113 -10.55 13.13 19.54
CA PHE A 113 -9.14 12.96 19.19
C PHE A 113 -8.38 12.41 20.38
N ALA A 114 -7.55 11.40 20.12
CA ALA A 114 -6.78 10.73 21.15
C ALA A 114 -5.53 10.11 20.54
N ARG A 115 -4.49 9.95 21.36
CA ARG A 115 -3.23 9.36 20.96
C ARG A 115 -3.20 7.91 21.43
N GLN A 116 -2.79 7.01 20.53
CA GLN A 116 -2.68 5.59 20.83
C GLN A 116 -1.27 5.17 20.48
N GLY A 117 -0.42 5.09 21.49
CA GLY A 117 0.98 4.83 21.26
C GLY A 117 1.55 5.99 20.46
N ASN A 118 1.92 5.72 19.20
CA ASN A 118 2.47 6.74 18.32
C ASN A 118 1.44 7.15 17.28
N ASP A 119 0.24 6.58 17.41
CA ASP A 119 -0.83 6.77 16.45
C ASP A 119 -1.76 7.89 16.91
N LEU A 120 -2.22 8.71 15.96
CA LEU A 120 -3.34 9.60 16.23
C LEU A 120 -4.63 8.86 15.88
N GLU A 121 -5.64 8.99 16.74
CA GLU A 121 -6.87 8.28 16.52
C GLU A 121 -8.04 9.26 16.55
N ILE A 122 -8.86 9.22 15.50
CA ILE A 122 -10.05 10.05 15.43
C ILE A 122 -11.24 9.11 15.45
N ARG A 123 -12.16 9.37 16.38
CA ARG A 123 -13.40 8.63 16.43
C ARG A 123 -14.54 9.62 16.24
N ILE A 124 -15.60 9.15 15.56
CA ILE A 124 -16.85 9.86 15.47
C ILE A 124 -17.70 9.44 16.66
N LEU A 125 -17.95 10.41 17.55
CA LEU A 125 -18.63 10.18 18.83
C LEU A 125 -19.90 9.37 18.61
N GLY A 126 -19.99 8.26 19.34
CA GLY A 126 -21.24 7.50 19.42
C GLY A 126 -21.48 6.58 18.22
N THR A 127 -20.53 6.56 17.27
CA THR A 127 -20.49 5.53 16.23
C THR A 127 -19.32 4.60 16.52
N ASP A 128 -19.11 3.62 15.63
CA ASP A 128 -18.03 2.65 15.73
C ASP A 128 -16.79 3.15 14.98
N ASP A 129 -17.03 3.96 13.96
CA ASP A 129 -16.05 4.33 12.95
C ASP A 129 -14.84 5.02 13.57
N ALA A 130 -13.65 4.55 13.20
CA ALA A 130 -12.41 5.15 13.64
C ALA A 130 -11.49 5.40 12.44
N LEU A 131 -10.73 6.49 12.53
CA LEU A 131 -9.66 6.81 11.59
C LEU A 131 -8.35 6.94 12.37
N THR A 132 -7.39 6.06 12.07
CA THR A 132 -6.10 6.10 12.73
C THR A 132 -5.08 6.61 11.73
N VAL A 133 -4.19 7.48 12.22
CA VAL A 133 -3.04 7.94 11.44
C VAL A 133 -1.76 7.34 12.03
N HIS A 134 -1.26 6.32 11.35
CA HIS A 134 -0.18 5.52 11.91
C HIS A 134 1.09 6.37 12.07
N ASP A 135 1.72 6.25 13.24
CA ASP A 135 2.98 6.89 13.54
C ASP A 135 2.88 8.40 13.40
N TRP A 136 1.69 8.95 13.66
CA TRP A 136 1.51 10.39 13.72
C TRP A 136 2.61 11.03 14.55
N TYR A 137 2.85 10.49 15.75
CA TYR A 137 3.72 11.10 16.73
C TYR A 137 5.20 10.82 16.39
N ARG A 138 5.44 9.84 15.52
CA ARG A 138 6.80 9.33 15.43
C ARG A 138 7.67 10.27 14.60
N ASP A 139 7.08 10.85 13.53
CA ASP A 139 7.82 11.71 12.61
C ASP A 139 6.90 12.46 11.67
N ALA A 140 7.42 13.58 11.15
CA ALA A 140 6.67 14.52 10.35
C ALA A 140 6.12 13.84 9.09
N ASP A 141 6.98 13.09 8.39
CA ASP A 141 6.63 12.29 7.22
C ASP A 141 5.29 11.57 7.37
N HIS A 142 4.97 11.10 8.59
CA HIS A 142 3.78 10.31 8.88
C HIS A 142 2.56 11.18 9.17
N ARG A 143 2.76 12.49 9.31
CA ARG A 143 1.65 13.34 9.71
C ARG A 143 0.82 13.75 8.48
N VAL A 144 -0.49 13.92 8.74
CA VAL A 144 -1.45 14.64 7.92
C VAL A 144 -1.60 16.04 8.53
N GLU A 145 -1.64 17.08 7.67
CA GLU A 145 -1.48 18.45 8.11
C GLU A 145 -2.79 19.10 8.53
N ILE A 146 -3.88 18.84 7.77
CA ILE A 146 -5.14 19.50 8.04
C ILE A 146 -6.26 18.46 8.09
N ILE A 147 -7.18 18.66 9.03
CA ILE A 147 -8.40 17.88 9.10
C ILE A 147 -9.58 18.83 8.93
N HIS A 148 -10.34 18.66 7.83
CA HIS A 148 -11.59 19.37 7.65
C HIS A 148 -12.75 18.54 8.21
N ALA A 149 -13.43 19.09 9.21
CA ALA A 149 -14.77 18.65 9.57
C ALA A 149 -15.78 19.39 8.70
N ALA A 150 -17.08 19.14 8.93
CA ALA A 150 -18.15 19.38 7.97
C ALA A 150 -18.11 20.80 7.41
N ASN A 151 -17.47 21.73 8.14
CA ASN A 151 -17.26 23.07 7.61
C ASN A 151 -15.96 23.68 8.16
N GLN A 152 -15.38 23.07 9.19
CA GLN A 152 -14.24 23.67 9.86
C GLN A 152 -12.99 22.84 9.61
N ALA A 153 -11.82 23.42 9.94
CA ALA A 153 -10.51 22.81 9.77
C ALA A 153 -9.60 23.16 10.94
N VAL A 154 -8.98 22.15 11.57
CA VAL A 154 -7.92 22.39 12.54
C VAL A 154 -6.61 21.82 12.00
N ASP A 155 -5.49 22.40 12.43
CA ASP A 155 -4.16 22.08 11.91
C ASP A 155 -3.42 21.19 12.90
N GLN A 156 -2.22 20.75 12.52
CA GLN A 156 -1.43 19.84 13.33
C GLN A 156 -1.36 20.32 14.79
N ALA A 157 -1.04 21.60 14.96
CA ALA A 157 -0.90 22.17 16.30
C ALA A 157 -2.23 22.07 17.02
N GLY A 158 -3.31 22.47 16.33
CA GLY A 158 -4.66 22.43 16.86
C GLY A 158 -5.08 21.02 17.26
N ILE A 159 -4.65 20.02 16.47
CA ILE A 159 -4.91 18.62 16.71
C ILE A 159 -4.16 18.19 17.97
N GLU A 160 -2.83 18.33 17.94
CA GLU A 160 -2.05 18.01 19.13
C GLU A 160 -2.22 19.16 20.10
N LYS A 161 -3.31 19.07 20.87
CA LYS A 161 -3.81 20.11 21.75
C LYS A 161 -5.20 19.70 22.20
N LEU A 162 -6.11 19.62 21.22
CA LEU A 162 -7.41 18.97 21.37
C LEU A 162 -7.20 17.58 21.97
N VAL A 163 -6.14 16.89 21.50
CA VAL A 163 -5.75 15.58 21.99
C VAL A 163 -5.49 15.68 23.49
N GLU A 164 -4.65 16.64 23.89
CA GLU A 164 -4.27 16.84 25.28
C GLU A 164 -5.48 17.22 26.12
N ALA A 165 -6.29 18.17 25.62
CA ALA A 165 -7.42 18.72 26.36
C ALA A 165 -8.53 17.69 26.52
N MET A 166 -8.69 16.82 25.53
CA MET A 166 -9.79 15.87 25.51
C MET A 166 -9.43 14.70 26.41
N ALA A 167 -8.12 14.48 26.56
CA ALA A 167 -7.59 13.43 27.40
C ALA A 167 -7.62 13.88 28.85
N GLN A 168 -7.34 15.17 29.09
CA GLN A 168 -7.25 15.67 30.44
C GLN A 168 -8.65 15.76 31.05
N TYR A 169 -9.53 16.57 30.44
CA TYR A 169 -10.69 17.06 31.20
C TYR A 169 -11.97 16.25 30.94
N PRO A 170 -12.00 15.37 29.91
CA PRO A 170 -12.94 15.56 28.79
C PRO A 170 -13.53 16.96 28.93
N ASP A 171 -14.80 17.04 29.40
CA ASP A 171 -15.48 18.31 29.59
C ASP A 171 -15.64 19.03 28.24
N GLU A 172 -15.70 18.21 27.19
CA GLU A 172 -15.92 18.62 25.81
C GLU A 172 -17.07 17.70 25.31
N PHE A 173 -17.89 17.31 26.35
CA PHE A 173 -19.12 16.55 26.17
C PHE A 173 -18.94 15.05 26.40
N THR A 174 -18.88 14.71 27.70
CA THR A 174 -18.91 13.36 28.26
C THR A 174 -20.36 12.88 28.47
N GLY B 17 1.54 -4.08 11.85
CA GLY B 17 1.87 -3.05 10.82
C GLY B 17 2.83 -2.00 11.34
N ALA B 18 4.04 -1.96 10.76
CA ALA B 18 5.04 -0.97 11.15
C ALA B 18 5.65 -0.31 9.92
N SER B 19 6.35 0.81 10.15
CA SER B 19 6.81 1.65 9.06
C SER B 19 8.19 2.24 9.38
N GLY B 20 8.91 2.58 8.32
CA GLY B 20 10.30 2.99 8.43
C GLY B 20 10.45 4.50 8.32
N SER B 21 11.48 4.90 7.56
CA SER B 21 11.89 6.29 7.42
C SER B 21 12.56 6.47 6.06
N ALA B 22 12.93 7.72 5.78
CA ALA B 22 13.67 8.09 4.58
C ALA B 22 15.02 7.39 4.56
N ARG B 23 15.51 6.97 5.74
CA ARG B 23 16.76 6.24 5.84
C ARG B 23 16.62 4.86 5.22
N ASN B 24 17.73 4.14 5.13
CA ASN B 24 17.66 2.75 4.72
C ASN B 24 17.21 1.91 5.91
N ASP B 25 15.99 1.38 5.83
CA ASP B 25 15.39 0.64 6.93
C ASP B 25 15.35 -0.85 6.59
N VAL B 26 15.30 -1.67 7.64
CA VAL B 26 15.07 -3.10 7.47
C VAL B 26 13.84 -3.44 8.31
N LEU B 27 12.76 -3.84 7.64
CA LEU B 27 11.49 -3.97 8.32
C LEU B 27 11.07 -5.43 8.31
N ILE B 28 10.99 -6.01 9.50
CA ILE B 28 10.74 -7.44 9.63
C ILE B 28 9.32 -7.60 10.13
N GLY B 29 8.49 -8.28 9.36
CA GLY B 29 7.19 -8.70 9.83
C GLY B 29 7.32 -9.91 10.75
N ASP B 30 6.20 -10.32 11.35
CA ASP B 30 6.14 -11.54 12.14
C ASP B 30 5.10 -12.46 11.51
N ALA B 31 4.77 -13.56 12.19
CA ALA B 31 3.93 -14.62 11.63
C ALA B 31 2.50 -14.15 11.30
N GLY B 32 2.12 -12.96 11.78
CA GLY B 32 0.80 -12.39 11.52
C GLY B 32 0.74 -11.58 10.23
N ASN B 33 -0.45 -11.06 9.92
CA ASN B 33 -0.68 -10.25 8.74
C ASN B 33 -0.21 -8.82 8.98
N ASN B 34 0.89 -8.42 8.31
CA ASN B 34 1.54 -7.15 8.61
C ASN B 34 1.42 -6.20 7.41
N VAL B 35 1.48 -4.91 7.72
CA VAL B 35 1.70 -3.85 6.75
C VAL B 35 3.12 -3.35 6.96
N LEU B 36 3.94 -3.33 5.89
CA LEU B 36 5.31 -2.84 6.03
C LEU B 36 5.54 -1.69 5.05
N ASN B 37 5.84 -0.51 5.56
CA ASN B 37 6.04 0.64 4.66
C ASN B 37 7.46 1.16 4.84
N GLY B 38 8.25 1.05 3.76
CA GLY B 38 9.67 1.39 3.81
C GLY B 38 9.94 2.88 3.70
N LEU B 39 8.98 3.62 3.14
CA LEU B 39 9.18 5.04 2.81
C LEU B 39 10.41 5.18 1.93
N ALA B 40 10.97 6.41 1.94
CA ALA B 40 12.05 6.78 1.04
C ALA B 40 13.33 6.06 1.48
N GLY B 41 14.18 5.75 0.49
CA GLY B 41 15.45 5.09 0.78
C GLY B 41 15.46 3.66 0.27
N ASN B 42 16.62 3.01 0.38
CA ASN B 42 16.68 1.59 0.09
C ASN B 42 16.26 0.83 1.34
N ASP B 43 15.19 0.01 1.24
CA ASP B 43 14.70 -0.71 2.40
C ASP B 43 14.72 -2.20 2.15
N VAL B 44 14.87 -2.99 3.23
CA VAL B 44 14.58 -4.42 3.15
C VAL B 44 13.26 -4.70 3.87
N LEU B 45 12.35 -5.35 3.17
CA LEU B 45 11.07 -5.62 3.78
C LEU B 45 10.82 -7.11 3.69
N SER B 46 10.55 -7.69 4.86
CA SER B 46 10.20 -9.10 4.87
C SER B 46 8.90 -9.28 5.66
N GLY B 47 7.89 -9.80 4.99
CA GLY B 47 6.58 -9.92 5.60
C GLY B 47 6.55 -11.04 6.65
N GLY B 48 7.44 -12.02 6.46
CA GLY B 48 7.33 -13.28 7.16
C GLY B 48 6.01 -13.98 6.85
N ALA B 49 5.63 -14.91 7.74
CA ALA B 49 4.42 -15.68 7.56
C ALA B 49 3.22 -14.76 7.76
N GLY B 50 2.04 -15.24 7.35
CA GLY B 50 0.88 -14.37 7.30
C GLY B 50 0.78 -13.70 5.93
N ASN B 51 -0.38 -13.08 5.69
CA ASN B 51 -0.65 -12.37 4.45
C ASN B 51 -0.21 -10.91 4.63
N ASP B 52 0.83 -10.50 3.90
CA ASP B 52 1.45 -9.22 4.18
C ASP B 52 1.25 -8.23 3.02
N VAL B 53 1.25 -6.93 3.38
CA VAL B 53 1.31 -5.80 2.46
C VAL B 53 2.62 -5.03 2.65
N LEU B 54 3.46 -5.04 1.61
CA LEU B 54 4.82 -4.52 1.69
C LEU B 54 4.95 -3.34 0.71
N LEU B 55 5.32 -2.20 1.23
CA LEU B 55 5.51 -1.03 0.38
C LEU B 55 6.98 -0.60 0.39
N GLY B 56 7.60 -0.75 -0.79
CA GLY B 56 8.94 -0.26 -1.00
C GLY B 56 8.98 1.27 -0.90
N ASP B 57 7.90 1.90 -1.39
CA ASP B 57 7.82 3.32 -1.65
C ASP B 57 9.04 3.76 -2.46
N GLU B 58 9.42 5.03 -2.28
CA GLU B 58 10.57 5.61 -2.93
C GLU B 58 11.79 4.75 -2.61
N GLY B 59 12.65 4.57 -3.61
CA GLY B 59 13.98 4.06 -3.31
C GLY B 59 14.12 2.71 -3.97
N ASN B 60 15.33 2.14 -3.91
CA ASN B 60 15.51 0.78 -4.37
C ASN B 60 15.22 -0.15 -3.20
N ASP B 61 14.16 -0.95 -3.32
CA ASP B 61 13.79 -1.74 -2.17
C ASP B 61 13.91 -3.23 -2.51
N LEU B 62 14.05 -4.05 -1.45
CA LEU B 62 14.03 -5.49 -1.62
C LEU B 62 12.88 -6.04 -0.79
N LEU B 63 12.01 -6.83 -1.43
CA LEU B 63 10.76 -7.22 -0.80
C LEU B 63 10.57 -8.73 -0.89
N SER B 64 10.20 -9.31 0.25
CA SER B 64 9.86 -10.71 0.30
C SER B 64 8.57 -10.84 1.11
N GLY B 65 7.51 -11.27 0.45
CA GLY B 65 6.29 -11.58 1.17
C GLY B 65 6.47 -12.81 2.06
N ASP B 66 7.43 -13.68 1.68
CA ASP B 66 7.70 -14.94 2.36
C ASP B 66 6.46 -15.82 2.33
N ALA B 67 6.19 -16.50 3.45
CA ALA B 67 5.07 -17.42 3.58
C ALA B 67 3.75 -16.65 3.62
N GLY B 68 2.69 -17.27 3.08
CA GLY B 68 1.39 -16.64 3.02
C GLY B 68 1.19 -15.91 1.69
N ASN B 69 0.00 -15.38 1.48
CA ASN B 69 -0.32 -14.69 0.25
C ASN B 69 -0.07 -13.19 0.43
N ASP B 70 0.88 -12.63 -0.32
CA ASP B 70 1.37 -11.29 -0.05
C ASP B 70 1.15 -10.33 -1.22
N ASP B 71 0.91 -9.05 -0.88
CA ASP B 71 0.80 -7.96 -1.84
C ASP B 71 2.04 -7.06 -1.75
N LEU B 72 2.77 -6.92 -2.89
CA LEU B 72 4.14 -6.44 -2.89
C LEU B 72 4.27 -5.17 -3.74
N PHE B 73 4.48 -4.04 -3.06
CA PHE B 73 4.43 -2.77 -3.76
C PHE B 73 5.84 -2.17 -3.78
N GLY B 74 6.58 -2.48 -4.84
CA GLY B 74 7.93 -1.98 -4.93
C GLY B 74 7.97 -0.46 -4.89
N GLY B 75 6.96 0.19 -5.50
CA GLY B 75 6.96 1.63 -5.64
C GLY B 75 7.95 2.09 -6.71
N GLN B 76 8.24 3.40 -6.71
CA GLN B 76 9.21 3.97 -7.65
C GLN B 76 10.59 3.39 -7.34
N GLY B 77 11.51 3.52 -8.31
CA GLY B 77 12.87 3.06 -8.10
C GLY B 77 13.01 1.63 -8.60
N ASN B 78 14.23 1.11 -8.54
CA ASN B 78 14.50 -0.25 -8.99
C ASN B 78 14.44 -1.18 -7.79
N ASP B 79 13.46 -2.08 -7.79
CA ASP B 79 13.22 -2.90 -6.61
C ASP B 79 13.43 -4.38 -6.93
N THR B 80 13.73 -5.17 -5.88
CA THR B 80 13.93 -6.60 -6.01
C THR B 80 12.85 -7.37 -5.24
N TYR B 81 12.28 -8.39 -5.89
CA TYR B 81 11.23 -9.21 -5.33
C TYR B 81 11.71 -10.65 -5.20
N LEU B 82 11.60 -11.22 -3.99
CA LEU B 82 12.00 -12.61 -3.83
C LEU B 82 10.78 -13.53 -3.87
N PHE B 83 10.96 -14.68 -4.55
CA PHE B 83 9.95 -15.73 -4.62
C PHE B 83 10.59 -17.11 -4.82
N GLY B 84 9.91 -18.14 -4.30
CA GLY B 84 10.37 -19.51 -4.38
C GLY B 84 9.28 -20.51 -4.01
N VAL B 85 9.71 -21.73 -3.68
CA VAL B 85 8.80 -22.80 -3.30
C VAL B 85 8.32 -22.50 -1.88
N GLY B 86 7.03 -22.63 -1.64
CA GLY B 86 6.48 -22.38 -0.31
C GLY B 86 6.13 -20.91 -0.07
N TYR B 87 6.16 -20.08 -1.12
CA TYR B 87 5.87 -18.66 -0.96
C TYR B 87 4.38 -18.39 -1.17
N GLY B 88 3.62 -19.44 -1.45
CA GLY B 88 2.19 -19.31 -1.68
C GLY B 88 1.95 -18.45 -2.91
N ASN B 89 0.83 -17.72 -2.90
CA ASN B 89 0.42 -16.90 -4.01
C ASN B 89 0.62 -15.44 -3.66
N ASP B 90 1.56 -14.81 -4.40
CA ASP B 90 2.02 -13.45 -4.17
C ASP B 90 1.78 -12.60 -5.42
N THR B 91 1.38 -11.33 -5.24
CA THR B 91 1.19 -10.44 -6.38
C THR B 91 2.12 -9.23 -6.25
N ILE B 92 2.64 -8.81 -7.41
CA ILE B 92 3.45 -7.61 -7.49
C ILE B 92 2.65 -6.51 -8.19
N TYR B 93 2.62 -5.35 -7.55
CA TYR B 93 2.07 -4.16 -8.17
C TYR B 93 3.22 -3.18 -8.30
N GLU B 94 3.75 -3.07 -9.53
CA GLU B 94 4.80 -2.12 -9.83
C GLU B 94 4.22 -0.74 -10.14
N SER B 95 5.08 0.27 -9.97
CA SER B 95 4.74 1.67 -10.05
C SER B 95 5.64 2.34 -11.08
N GLY B 96 6.90 1.91 -11.09
CA GLY B 96 7.89 2.49 -12.00
C GLY B 96 9.28 1.99 -11.66
N GLY B 97 10.20 2.15 -12.62
CA GLY B 97 11.58 1.81 -12.39
C GLY B 97 12.12 1.02 -13.57
N GLY B 98 13.32 1.41 -14.03
CA GLY B 98 13.93 0.80 -15.19
C GLY B 98 14.46 -0.60 -14.93
N ASN B 99 14.78 -0.91 -13.67
CA ASN B 99 15.46 -2.17 -13.38
C ASN B 99 14.89 -2.87 -12.16
N ASP B 100 13.61 -3.22 -12.21
CA ASP B 100 13.03 -4.10 -11.22
C ASP B 100 13.43 -5.53 -11.59
N THR B 101 13.75 -6.37 -10.58
CA THR B 101 14.04 -7.77 -10.84
C THR B 101 13.28 -8.68 -9.87
N ILE B 102 12.94 -9.87 -10.36
CA ILE B 102 12.42 -10.94 -9.54
C ILE B 102 13.50 -12.01 -9.40
N ARG B 103 13.83 -12.38 -8.15
CA ARG B 103 14.62 -13.57 -7.91
C ARG B 103 13.74 -14.72 -7.45
N ILE B 104 13.55 -15.68 -8.36
CA ILE B 104 12.94 -16.96 -8.06
C ILE B 104 14.02 -17.96 -7.68
N ASN B 105 13.91 -18.48 -6.45
CA ASN B 105 14.73 -19.59 -6.02
C ASN B 105 14.07 -20.88 -6.52
N ALA B 106 14.40 -21.24 -7.76
CA ALA B 106 13.85 -22.35 -8.51
C ALA B 106 14.55 -22.42 -9.84
N GLY B 107 14.79 -23.65 -10.32
CA GLY B 107 15.34 -23.83 -11.64
C GLY B 107 14.34 -23.37 -12.70
N ALA B 108 14.84 -22.60 -13.69
CA ALA B 108 14.01 -22.07 -14.75
C ALA B 108 13.31 -23.19 -15.52
N ASP B 109 13.68 -24.44 -15.20
CA ASP B 109 13.16 -25.62 -15.87
C ASP B 109 11.89 -26.11 -15.17
N GLN B 110 11.51 -25.44 -14.08
CA GLN B 110 10.38 -25.84 -13.25
C GLN B 110 9.32 -24.75 -13.24
N LEU B 111 9.55 -23.66 -13.99
CA LEU B 111 8.73 -22.46 -13.95
C LEU B 111 7.76 -22.44 -15.13
N TRP B 112 6.46 -22.31 -14.84
CA TRP B 112 5.48 -22.13 -15.90
C TRP B 112 5.11 -20.66 -16.04
N PHE B 113 5.15 -20.16 -17.28
CA PHE B 113 4.80 -18.77 -17.59
C PHE B 113 3.46 -18.70 -18.31
N ALA B 114 2.59 -17.78 -17.86
CA ALA B 114 1.31 -17.57 -18.49
C ALA B 114 1.00 -16.07 -18.58
N ARG B 115 0.18 -15.72 -19.58
CA ARG B 115 -0.57 -14.49 -19.56
C ARG B 115 -1.96 -14.79 -19.00
N GLN B 116 -2.39 -13.95 -18.07
CA GLN B 116 -3.72 -14.04 -17.48
C GLN B 116 -4.30 -12.63 -17.51
N GLY B 117 -5.04 -12.33 -18.59
CA GLY B 117 -5.47 -10.98 -18.95
C GLY B 117 -4.28 -10.08 -19.27
N ASN B 118 -4.06 -9.08 -18.42
CA ASN B 118 -2.91 -8.20 -18.52
C ASN B 118 -1.84 -8.63 -17.51
N ASP B 119 -2.07 -9.77 -16.83
CA ASP B 119 -1.15 -10.27 -15.82
C ASP B 119 -0.13 -11.25 -16.40
N LEU B 120 1.09 -11.19 -15.84
CA LEU B 120 2.05 -12.28 -15.97
C LEU B 120 2.01 -13.12 -14.70
N GLU B 121 1.65 -14.39 -14.86
CA GLU B 121 1.68 -15.38 -13.80
C GLU B 121 2.84 -16.34 -14.05
N ILE B 122 3.68 -16.51 -13.02
CA ILE B 122 4.74 -17.50 -13.06
C ILE B 122 4.48 -18.53 -11.95
N ARG B 123 4.03 -19.73 -12.33
CA ARG B 123 3.78 -20.78 -11.36
C ARG B 123 4.94 -21.78 -11.33
N ILE B 124 5.27 -22.27 -10.12
CA ILE B 124 6.25 -23.34 -10.00
C ILE B 124 5.56 -24.68 -10.17
N LEU B 125 6.17 -25.55 -10.98
CA LEU B 125 5.54 -26.77 -11.47
C LEU B 125 5.38 -27.80 -10.37
N GLY B 126 4.22 -28.46 -10.38
CA GLY B 126 3.84 -29.38 -9.30
C GLY B 126 3.37 -28.67 -8.01
N THR B 127 3.45 -27.33 -7.95
CA THR B 127 3.10 -26.60 -6.74
C THR B 127 1.95 -25.63 -7.00
N ASP B 128 1.54 -24.94 -5.94
CA ASP B 128 0.59 -23.85 -6.01
C ASP B 128 1.26 -22.56 -5.55
N ASP B 129 2.60 -22.58 -5.56
CA ASP B 129 3.35 -21.33 -5.49
C ASP B 129 3.23 -20.63 -6.85
N ALA B 130 2.57 -19.46 -6.86
CA ALA B 130 2.40 -18.66 -8.06
C ALA B 130 2.72 -17.20 -7.76
N LEU B 131 3.40 -16.54 -8.71
CA LEU B 131 3.77 -15.14 -8.61
C LEU B 131 3.18 -14.39 -9.80
N THR B 132 2.38 -13.37 -9.48
CA THR B 132 1.68 -12.54 -10.45
C THR B 132 2.27 -11.13 -10.45
N VAL B 133 2.62 -10.68 -11.65
CA VAL B 133 2.95 -9.28 -11.84
C VAL B 133 1.74 -8.61 -12.48
N HIS B 134 1.07 -7.78 -11.67
CA HIS B 134 -0.27 -7.31 -12.01
C HIS B 134 -0.17 -6.30 -13.15
N ASP B 135 -0.98 -6.51 -14.21
CA ASP B 135 -1.06 -5.62 -15.37
C ASP B 135 0.27 -5.51 -16.13
N TRP B 136 1.08 -6.57 -16.07
CA TRP B 136 2.35 -6.62 -16.75
C TRP B 136 2.24 -6.02 -18.15
N TYR B 137 1.08 -6.24 -18.79
CA TYR B 137 0.89 -5.98 -20.21
C TYR B 137 0.25 -4.62 -20.42
N ARG B 138 0.05 -3.84 -19.35
CA ARG B 138 -0.56 -2.52 -19.46
C ARG B 138 0.44 -1.48 -19.96
N ASP B 139 1.62 -1.42 -19.35
CA ASP B 139 2.60 -0.40 -19.66
C ASP B 139 3.91 -0.74 -18.97
N ALA B 140 4.99 -0.11 -19.44
CA ALA B 140 6.36 -0.39 -19.03
C ALA B 140 6.51 -0.31 -17.51
N ASP B 141 5.67 0.56 -16.91
CA ASP B 141 5.74 0.95 -15.52
C ASP B 141 5.18 -0.14 -14.61
N HIS B 142 4.35 -1.01 -15.19
CA HIS B 142 3.82 -2.18 -14.49
C HIS B 142 4.80 -3.33 -14.60
N ARG B 143 5.86 -3.15 -15.40
CA ARG B 143 6.70 -4.27 -15.77
C ARG B 143 7.94 -4.34 -14.89
N VAL B 144 8.33 -5.58 -14.59
CA VAL B 144 9.60 -5.96 -14.00
C VAL B 144 10.55 -6.37 -15.12
N GLU B 145 11.78 -5.83 -15.10
CA GLU B 145 12.71 -5.92 -16.22
C GLU B 145 13.41 -7.29 -16.28
N ILE B 146 13.91 -7.80 -15.15
CA ILE B 146 14.64 -9.05 -15.19
C ILE B 146 14.07 -10.07 -14.19
N ILE B 147 14.07 -11.34 -14.60
CA ILE B 147 13.76 -12.46 -13.72
C ILE B 147 14.96 -13.40 -13.69
N HIS B 148 15.58 -13.53 -12.51
CA HIS B 148 16.55 -14.58 -12.26
C HIS B 148 15.84 -15.79 -11.68
N ALA B 149 15.99 -16.93 -12.35
CA ALA B 149 15.67 -18.22 -11.75
C ALA B 149 16.99 -18.93 -11.49
N ALA B 150 17.27 -19.23 -10.22
CA ALA B 150 18.51 -19.83 -9.76
C ALA B 150 19.62 -19.74 -10.81
N ASN B 151 19.48 -20.52 -11.88
CA ASN B 151 20.46 -20.69 -12.96
C ASN B 151 20.54 -19.44 -13.85
N GLN B 152 19.56 -19.27 -14.75
CA GLN B 152 19.56 -18.28 -15.81
C GLN B 152 18.72 -17.07 -15.43
N ALA B 153 19.13 -15.88 -15.91
CA ALA B 153 18.31 -14.69 -15.87
C ALA B 153 17.61 -14.52 -17.21
N VAL B 154 16.42 -13.89 -17.20
CA VAL B 154 15.66 -13.61 -18.42
C VAL B 154 15.06 -12.20 -18.37
N ASP B 155 15.12 -11.49 -19.49
CA ASP B 155 14.53 -10.16 -19.63
C ASP B 155 13.18 -10.25 -20.34
N GLN B 156 12.62 -9.08 -20.66
CA GLN B 156 11.26 -8.95 -21.14
C GLN B 156 11.09 -9.69 -22.47
N ALA B 157 12.11 -9.59 -23.34
CA ALA B 157 12.18 -10.35 -24.58
C ALA B 157 12.17 -11.84 -24.24
N GLY B 158 13.10 -12.25 -23.36
CA GLY B 158 13.17 -13.61 -22.85
C GLY B 158 11.82 -14.07 -22.33
N ILE B 159 11.22 -13.28 -21.43
CA ILE B 159 9.97 -13.63 -20.78
C ILE B 159 8.90 -13.83 -21.85
N GLU B 160 8.81 -12.87 -22.78
CA GLU B 160 7.93 -12.98 -23.94
C GLU B 160 8.11 -14.34 -24.61
N LYS B 161 9.37 -14.65 -24.96
CA LYS B 161 9.73 -15.89 -25.62
C LYS B 161 9.13 -17.07 -24.87
N LEU B 162 9.37 -17.14 -23.55
CA LEU B 162 8.89 -18.22 -22.71
C LEU B 162 7.37 -18.25 -22.69
N VAL B 163 6.76 -17.07 -22.50
CA VAL B 163 5.33 -16.95 -22.28
C VAL B 163 4.57 -17.56 -23.45
N GLU B 164 4.99 -17.24 -24.68
CA GLU B 164 4.22 -17.67 -25.82
C GLU B 164 4.80 -18.93 -26.44
N ALA B 165 5.96 -19.36 -25.91
CA ALA B 165 6.50 -20.68 -26.21
C ALA B 165 5.64 -21.75 -25.54
N MET B 166 4.72 -21.32 -24.68
CA MET B 166 3.80 -22.21 -23.97
C MET B 166 2.37 -21.89 -24.40
N ALA B 167 1.75 -22.82 -25.13
CA ALA B 167 0.52 -22.54 -25.87
C ALA B 167 -0.66 -23.30 -25.28
N GLN B 168 -0.81 -24.57 -25.67
CA GLN B 168 -2.00 -25.36 -25.36
C GLN B 168 -2.33 -25.22 -23.87
CA CA C . -13.82 -3.06 -1.82
CA CA D . -13.42 -0.56 1.81
CA CA E . -13.52 2.08 5.63
CA CA F . -2.01 7.47 -11.96
CA CA G . -0.89 8.92 -7.82
CA CA H . 0.17 10.63 -3.38
CA CA I . 1.19 12.30 0.99
CA CA J . 2.19 14.95 5.48
CA CA K . 3.66 -11.47 8.50
CA CA L . 3.87 -13.32 4.28
CA CA M . 4.15 -15.24 0.00
CA CA N . 13.14 3.89 4.20
CA CA O . 11.97 2.87 0.13
CA CA P . 10.88 1.54 -4.45
CA CA Q . 9.92 -0.02 -8.81
CA CA R . 9.76 -1.52 -13.97
#